data_5DEQ
#
_entry.id   5DEQ
#
_cell.length_a   59.114
_cell.length_b   49.400
_cell.length_c   90.200
_cell.angle_alpha   90.00
_cell.angle_beta   107.10
_cell.angle_gamma   90.00
#
_symmetry.space_group_name_H-M   'P 1 21 1'
#
loop_
_entity.id
_entity.type
_entity.pdbx_description
1 polymer 'TRANSCRIPTIONAL REGULATOR AraR'
2 non-polymer alpha-L-arabinopyranose
3 non-polymer 'SULFATE ION'
4 non-polymer 'FORMIC ACID'
5 water water
#
_entity_poly.entity_id   1
_entity_poly.type   'polypeptide(L)'
_entity_poly.pdbx_seq_one_letter_code
;SNA(MSE)KNYYSSNPTFYLGIDCIIFGFNEGEISLLLLKRNFEPA(MSE)GEWSL(MSE)GGFVQKDESVDDAAKRVLA
ELTGLENVY(MSE)EQVGAFGAIDRDPGERVVSIAYYALININEYDRELVQKHNAYWVNINELPALIFDHPE(MSE)VDK
ARE(MSE)(MSE)KQKASVEPIGFNLLPKLFTLSQLQSLYEAIYGEP(MSE)DKRNFRKRVAE(MSE)DFIEKTDKIDKL
GSKRGAALYKFNGKAYRKDPKFKL
;
_entity_poly.pdbx_strand_id   A,B
#
loop_
_chem_comp.id
_chem_comp.type
_chem_comp.name
_chem_comp.formula
ARA L-saccharide, alpha linking alpha-L-arabinopyranose 'C5 H10 O5'
FMT non-polymer 'FORMIC ACID' 'C H2 O2'
SO4 non-polymer 'SULFATE ION' 'O4 S -2'
#
# COMPACT_ATOMS: atom_id res chain seq x y z
N MSE A 4 -13.59 1.90 -34.72
CA MSE A 4 -12.33 2.14 -33.93
C MSE A 4 -12.50 3.34 -33.04
O MSE A 4 -12.35 3.23 -31.82
CB MSE A 4 -11.16 2.37 -34.90
CG MSE A 4 -9.77 2.27 -34.27
SE MSE A 4 -8.56 1.44 -35.59
CE MSE A 4 -6.85 2.31 -35.13
N LYS A 5 -12.87 4.46 -33.67
CA LYS A 5 -12.84 5.80 -33.10
C LYS A 5 -12.09 6.00 -31.77
N ASN A 6 -12.78 6.50 -30.74
CA ASN A 6 -12.11 7.30 -29.73
C ASN A 6 -12.94 7.48 -28.46
N TYR A 7 -13.14 6.41 -27.70
CA TYR A 7 -13.65 6.57 -26.34
C TYR A 7 -12.56 7.32 -25.56
N TYR A 8 -12.97 8.29 -24.75
CA TYR A 8 -12.10 8.98 -23.77
C TYR A 8 -11.15 10.04 -24.35
N SER A 9 -11.25 10.30 -25.66
CA SER A 9 -10.30 11.16 -26.36
C SER A 9 -10.35 12.63 -25.94
N SER A 10 -11.39 13.03 -25.24
CA SER A 10 -11.43 14.33 -24.57
C SER A 10 -10.35 14.48 -23.48
N ASN A 11 -9.94 13.37 -22.88
CA ASN A 11 -8.93 13.36 -21.81
C ASN A 11 -7.50 13.28 -22.34
N PRO A 12 -6.52 13.80 -21.56
CA PRO A 12 -5.14 13.71 -22.00
C PRO A 12 -4.55 12.30 -21.74
N THR A 13 -3.37 12.06 -22.31
CA THR A 13 -2.59 10.86 -22.02
C THR A 13 -1.26 11.26 -21.41
N PHE A 14 -0.63 10.34 -20.68
CA PHE A 14 0.58 10.59 -19.91
C PHE A 14 1.63 9.51 -20.08
N TYR A 15 2.89 9.93 -20.05
CA TYR A 15 3.98 8.97 -19.92
C TYR A 15 3.81 8.25 -18.59
N LEU A 16 3.98 6.94 -18.62
N LEU A 16 3.93 6.93 -18.64
CA LEU A 16 3.83 6.11 -17.45
CA LEU A 16 3.83 6.08 -17.46
C LEU A 16 5.17 5.46 -17.11
C LEU A 16 5.19 5.46 -17.13
N GLY A 17 5.82 5.99 -16.08
CA GLY A 17 7.12 5.55 -15.63
C GLY A 17 7.04 4.27 -14.83
N ILE A 18 8.18 3.59 -14.77
CA ILE A 18 8.40 2.46 -13.90
C ILE A 18 9.69 2.74 -13.16
N ASP A 19 9.68 2.50 -11.85
CA ASP A 19 10.90 2.49 -11.04
C ASP A 19 10.97 1.24 -10.18
N CYS A 20 12.06 0.49 -10.30
CA CYS A 20 12.25 -0.71 -9.48
C CYS A 20 13.22 -0.44 -8.34
N ILE A 21 12.80 -0.85 -7.14
CA ILE A 21 13.54 -0.69 -5.92
C ILE A 21 13.93 -2.08 -5.44
N ILE A 22 15.20 -2.41 -5.57
CA ILE A 22 15.70 -3.75 -5.22
C ILE A 22 16.61 -3.63 -4.02
N PHE A 23 16.12 -4.12 -2.87
CA PHE A 23 16.89 -4.25 -1.66
C PHE A 23 17.55 -5.61 -1.70
N GLY A 24 18.80 -5.67 -1.24
CA GLY A 24 19.57 -6.91 -1.18
C GLY A 24 20.11 -7.15 0.22
N PHE A 25 19.95 -8.36 0.74
CA PHE A 25 20.46 -8.73 2.06
C PHE A 25 21.69 -9.61 1.92
N ASN A 26 22.74 -9.27 2.65
CA ASN A 26 24.01 -9.97 2.56
C ASN A 26 24.86 -9.61 3.79
N GLU A 27 25.37 -10.62 4.48
CA GLU A 27 26.30 -10.41 5.59
C GLU A 27 25.81 -9.32 6.54
N GLY A 28 24.57 -9.48 6.98
CA GLY A 28 23.97 -8.62 7.98
C GLY A 28 23.56 -7.22 7.56
N GLU A 29 23.62 -6.88 6.28
CA GLU A 29 23.35 -5.52 5.81
C GLU A 29 22.32 -5.55 4.68
N ILE A 30 21.54 -4.48 4.56
CA ILE A 30 20.67 -4.28 3.40
C ILE A 30 21.34 -3.25 2.50
N SER A 31 21.40 -3.55 1.20
CA SER A 31 21.85 -2.60 0.20
C SER A 31 20.75 -2.38 -0.83
N LEU A 32 20.84 -1.25 -1.53
CA LEU A 32 19.96 -0.88 -2.62
C LEU A 32 20.73 -0.95 -3.93
N LEU A 33 20.11 -1.56 -4.95
CA LEU A 33 20.69 -1.59 -6.27
C LEU A 33 20.42 -0.28 -7.04
N LEU A 34 21.48 0.40 -7.44
CA LEU A 34 21.37 1.70 -8.12
C LEU A 34 22.15 1.73 -9.43
N LEU A 35 21.78 2.65 -10.31
CA LEU A 35 22.54 2.87 -11.53
C LEU A 35 22.70 4.34 -11.78
N LYS A 36 23.53 4.66 -12.77
CA LYS A 36 23.65 6.03 -13.24
C LYS A 36 22.77 6.11 -14.47
N ARG A 37 21.78 6.99 -14.39
CA ARG A 37 20.73 7.07 -15.39
C ARG A 37 21.33 7.28 -16.79
N ASN A 38 20.85 6.51 -17.76
CA ASN A 38 21.42 6.52 -19.10
C ASN A 38 20.60 7.34 -20.11
N PHE A 39 19.89 8.35 -19.67
CA PHE A 39 19.17 9.24 -20.57
C PHE A 39 18.87 10.56 -19.85
N GLU A 40 18.61 11.61 -20.64
CA GLU A 40 18.32 12.96 -20.15
C GLU A 40 16.83 13.16 -19.89
N PRO A 41 16.45 14.12 -19.05
CA PRO A 41 17.35 14.90 -18.19
C PRO A 41 17.89 14.09 -17.01
N ALA A 42 18.85 14.68 -16.31
CA ALA A 42 19.55 14.03 -15.19
C ALA A 42 20.36 12.79 -15.60
N MSE A 43 20.88 12.78 -16.84
CA MSE A 43 21.74 11.70 -17.31
C MSE A 43 22.98 11.66 -16.48
O MSE A 43 23.53 12.70 -16.15
CB MSE A 43 22.12 11.88 -18.77
CG MSE A 43 22.84 10.65 -19.32
SE MSE A 43 22.94 10.72 -21.29
CE MSE A 43 24.35 12.10 -21.41
N GLY A 44 23.41 10.44 -16.15
CA GLY A 44 24.58 10.20 -15.32
C GLY A 44 24.36 10.24 -13.82
N GLU A 45 23.17 10.67 -13.38
CA GLU A 45 22.93 10.89 -11.95
C GLU A 45 22.39 9.58 -11.34
N TRP A 46 22.58 9.45 -10.03
CA TRP A 46 22.23 8.22 -9.34
C TRP A 46 20.72 8.00 -9.33
N SER A 47 20.30 6.80 -9.71
CA SER A 47 18.91 6.50 -9.98
C SER A 47 18.52 5.05 -9.64
N LEU A 48 17.25 4.89 -9.29
CA LEU A 48 16.57 3.62 -9.32
C LEU A 48 16.53 3.12 -10.77
N MSE A 49 16.16 1.86 -10.95
N MSE A 49 16.17 1.86 -10.94
CA MSE A 49 16.04 1.28 -12.28
CA MSE A 49 16.00 1.26 -12.27
C MSE A 49 14.77 1.83 -12.88
C MSE A 49 14.76 1.84 -12.87
O MSE A 49 13.69 1.38 -12.56
O MSE A 49 13.66 1.43 -12.53
CB MSE A 49 15.99 -0.22 -12.15
CB MSE A 49 15.78 -0.24 -12.12
CG MSE A 49 17.39 -0.83 -12.13
CG MSE A 49 17.06 -1.05 -11.99
SE MSE A 49 18.29 -0.48 -10.41
SE MSE A 49 17.60 -1.17 -10.11
CE MSE A 49 17.32 -1.94 -9.49
CE MSE A 49 19.21 -0.06 -10.37
N GLY A 50 14.93 2.81 -13.77
CA GLY A 50 13.82 3.58 -14.31
C GLY A 50 13.56 3.35 -15.77
N GLY A 51 12.29 3.19 -16.12
CA GLY A 51 11.88 3.00 -17.49
C GLY A 51 10.47 3.48 -17.71
N PHE A 52 9.82 2.96 -18.75
CA PHE A 52 8.47 3.37 -19.11
C PHE A 52 7.64 2.17 -19.55
N VAL A 53 6.36 2.22 -19.21
CA VAL A 53 5.41 1.19 -19.63
C VAL A 53 5.21 1.31 -21.15
N GLN A 54 5.17 0.15 -21.81
CA GLN A 54 4.94 0.06 -23.27
C GLN A 54 3.53 -0.45 -23.55
N LYS A 55 3.03 -0.20 -24.77
CA LYS A 55 1.65 -0.60 -25.16
C LYS A 55 1.36 -2.08 -25.09
N ASP A 56 2.35 -2.93 -25.33
CA ASP A 56 2.07 -4.36 -25.44
C ASP A 56 2.18 -5.15 -24.13
N GLU A 57 2.15 -4.48 -22.98
CA GLU A 57 2.45 -5.15 -21.72
C GLU A 57 1.61 -4.55 -20.58
N SER A 58 1.29 -5.40 -19.61
CA SER A 58 0.72 -4.92 -18.34
C SER A 58 1.76 -4.05 -17.61
N VAL A 59 1.29 -3.24 -16.67
CA VAL A 59 2.19 -2.46 -15.82
C VAL A 59 3.11 -3.40 -14.98
N ASP A 60 2.56 -4.49 -14.45
CA ASP A 60 3.35 -5.48 -13.69
C ASP A 60 4.48 -6.11 -14.53
N ASP A 61 4.18 -6.41 -15.78
CA ASP A 61 5.19 -6.98 -16.68
C ASP A 61 6.20 -5.92 -17.13
N ALA A 62 5.78 -4.66 -17.23
CA ALA A 62 6.73 -3.55 -17.47
C ALA A 62 7.82 -3.50 -16.40
N ALA A 63 7.43 -3.66 -15.14
CA ALA A 63 8.41 -3.74 -14.06
C ALA A 63 9.44 -4.84 -14.26
N LYS A 64 8.96 -6.04 -14.56
N LYS A 64 8.96 -6.04 -14.56
CA LYS A 64 9.84 -7.18 -14.84
CA LYS A 64 9.83 -7.18 -14.85
C LYS A 64 10.80 -6.89 -16.01
C LYS A 64 10.80 -6.88 -16.00
N ARG A 65 10.27 -6.29 -17.08
CA ARG A 65 11.09 -5.97 -18.25
C ARG A 65 12.14 -4.90 -17.93
N VAL A 66 11.72 -3.84 -17.25
CA VAL A 66 12.64 -2.75 -16.88
C VAL A 66 13.77 -3.29 -16.01
N LEU A 67 13.42 -4.08 -14.99
CA LEU A 67 14.43 -4.72 -14.17
C LEU A 67 15.46 -5.51 -15.00
N ALA A 68 14.97 -6.39 -15.87
CA ALA A 68 15.82 -7.21 -16.71
C ALA A 68 16.68 -6.39 -17.66
N GLU A 69 16.10 -5.38 -18.29
CA GLU A 69 16.85 -4.48 -19.19
C GLU A 69 18.03 -3.78 -18.50
N LEU A 70 17.81 -3.31 -17.27
CA LEU A 70 18.75 -2.41 -16.62
C LEU A 70 19.73 -3.09 -15.67
N THR A 71 19.44 -4.33 -15.27
CA THR A 71 20.30 -5.08 -14.36
C THR A 71 20.63 -6.50 -14.78
N GLY A 72 19.87 -7.03 -15.75
CA GLY A 72 19.95 -8.43 -16.12
C GLY A 72 19.13 -9.39 -15.27
N LEU A 73 18.58 -8.94 -14.15
CA LEU A 73 17.91 -9.83 -13.21
C LEU A 73 16.55 -10.20 -13.73
N GLU A 74 16.30 -11.49 -13.72
CA GLU A 74 15.03 -12.09 -14.07
C GLU A 74 14.59 -12.91 -12.85
N ASN A 75 13.33 -13.28 -12.82
CA ASN A 75 12.76 -14.10 -11.74
C ASN A 75 12.88 -13.43 -10.38
N VAL A 76 12.52 -12.15 -10.34
CA VAL A 76 12.44 -11.41 -9.10
C VAL A 76 10.99 -10.96 -8.98
N TYR A 77 10.28 -11.54 -8.03
CA TYR A 77 8.91 -11.13 -7.77
C TYR A 77 8.93 -9.78 -7.06
N MSE A 78 8.20 -8.81 -7.61
CA MSE A 78 8.13 -7.47 -7.02
C MSE A 78 6.70 -7.17 -6.63
O MSE A 78 5.75 -7.71 -7.22
CB MSE A 78 8.64 -6.44 -8.03
CG MSE A 78 10.16 -6.48 -8.24
SE MSE A 78 10.76 -5.24 -9.66
CE MSE A 78 10.15 -6.29 -11.21
N GLU A 79 6.56 -6.28 -5.66
CA GLU A 79 5.26 -5.79 -5.20
C GLU A 79 5.20 -4.29 -5.50
N GLN A 80 4.04 -3.85 -5.97
CA GLN A 80 3.80 -2.45 -6.30
C GLN A 80 3.86 -1.58 -5.03
N VAL A 81 4.61 -0.49 -5.12
CA VAL A 81 4.80 0.47 -4.02
C VAL A 81 3.75 1.58 -4.15
N GLY A 82 3.56 2.09 -5.37
CA GLY A 82 2.52 3.07 -5.61
C GLY A 82 2.73 3.84 -6.89
N ALA A 83 1.72 4.63 -7.25
CA ALA A 83 1.78 5.53 -8.40
C ALA A 83 2.15 6.90 -7.90
N PHE A 84 3.29 7.41 -8.34
CA PHE A 84 3.78 8.72 -7.93
C PHE A 84 3.44 9.69 -9.03
N GLY A 85 2.58 10.66 -8.70
CA GLY A 85 1.95 11.50 -9.72
C GLY A 85 1.91 12.99 -9.44
N ALA A 86 2.77 13.49 -8.57
CA ALA A 86 2.94 14.93 -8.37
C ALA A 86 3.32 15.57 -9.71
N ILE A 87 2.83 16.77 -9.98
CA ILE A 87 2.95 17.34 -11.33
C ILE A 87 4.43 17.49 -11.73
N ASP A 88 5.26 17.98 -10.83
CA ASP A 88 6.64 18.34 -11.15
C ASP A 88 7.67 17.31 -10.70
N ARG A 89 7.24 16.07 -10.43
CA ARG A 89 8.18 15.04 -9.99
C ARG A 89 9.31 14.77 -11.00
N ASP A 90 8.98 14.78 -12.30
CA ASP A 90 9.95 14.56 -13.35
C ASP A 90 10.08 15.90 -14.08
N PRO A 91 11.27 16.51 -14.07
CA PRO A 91 11.43 17.80 -14.77
C PRO A 91 11.40 17.70 -16.30
N GLY A 92 11.51 16.51 -16.88
CA GLY A 92 11.57 16.38 -18.33
C GLY A 92 10.22 16.55 -19.02
N GLU A 93 9.22 15.85 -18.49
CA GLU A 93 7.85 15.86 -19.00
C GLU A 93 6.99 15.49 -17.82
N ARG A 94 5.66 15.53 -18.00
CA ARG A 94 4.75 14.96 -17.01
C ARG A 94 4.92 13.45 -17.09
N VAL A 95 5.39 12.85 -16.00
CA VAL A 95 5.50 11.39 -15.87
C VAL A 95 4.88 10.97 -14.54
N VAL A 96 3.88 10.13 -14.59
CA VAL A 96 3.40 9.42 -13.43
C VAL A 96 4.19 8.09 -13.39
N SER A 97 4.97 7.87 -12.33
CA SER A 97 5.76 6.63 -12.22
C SER A 97 5.21 5.64 -11.21
N ILE A 98 5.14 4.37 -11.61
CA ILE A 98 4.70 3.29 -10.74
C ILE A 98 5.93 2.58 -10.20
N ALA A 99 6.13 2.64 -8.88
CA ALA A 99 7.28 2.02 -8.24
C ALA A 99 6.93 0.63 -7.80
N TYR A 100 7.93 -0.25 -7.84
CA TYR A 100 7.83 -1.66 -7.47
C TYR A 100 9.06 -1.97 -6.60
N TYR A 101 8.93 -2.89 -5.64
CA TYR A 101 10.09 -3.25 -4.82
C TYR A 101 10.20 -4.74 -4.57
N ALA A 102 11.42 -5.17 -4.26
CA ALA A 102 11.67 -6.52 -3.75
C ALA A 102 12.83 -6.52 -2.79
N LEU A 103 12.89 -7.57 -1.96
CA LEU A 103 14.06 -7.85 -1.11
C LEU A 103 14.62 -9.19 -1.56
N ILE A 104 15.87 -9.21 -2.00
CA ILE A 104 16.51 -10.43 -2.52
C ILE A 104 17.77 -10.77 -1.75
N ASN A 105 18.18 -12.02 -1.86
CA ASN A 105 19.45 -12.49 -1.30
C ASN A 105 20.45 -12.35 -2.40
N ILE A 106 21.50 -11.58 -2.13
CA ILE A 106 22.53 -11.23 -3.10
C ILE A 106 23.46 -12.45 -3.35
N ASN A 107 23.44 -13.03 -4.57
CA ASN A 107 24.22 -14.26 -4.89
C ASN A 107 25.11 -14.21 -6.19
N GLU A 108 26.07 -15.13 -6.30
CA GLU A 108 27.19 -14.99 -7.27
C GLU A 108 26.82 -14.77 -8.75
N TYR A 109 26.03 -15.65 -9.37
CA TYR A 109 25.67 -15.48 -10.79
C TYR A 109 24.98 -14.13 -11.04
N ASP A 110 24.02 -13.82 -10.18
CA ASP A 110 23.33 -12.53 -10.21
C ASP A 110 24.31 -11.35 -10.05
N ARG A 111 25.33 -11.52 -9.22
CA ARG A 111 26.31 -10.47 -8.98
C ARG A 111 27.09 -10.13 -10.24
N GLU A 112 27.56 -11.14 -10.96
CA GLU A 112 28.29 -10.91 -12.21
C GLU A 112 27.38 -10.19 -13.24
N LEU A 113 26.14 -10.67 -13.35
CA LEU A 113 25.15 -10.11 -14.25
C LEU A 113 24.91 -8.61 -14.01
N VAL A 114 24.65 -8.26 -12.76
CA VAL A 114 24.40 -6.88 -12.34
C VAL A 114 25.60 -5.98 -12.69
N GLN A 115 26.80 -6.50 -12.45
CA GLN A 115 28.02 -5.76 -12.77
C GLN A 115 28.21 -5.48 -14.25
N LYS A 116 27.86 -6.45 -15.10
CA LYS A 116 27.88 -6.25 -16.56
C LYS A 116 26.96 -5.10 -17.03
N HIS A 117 25.91 -4.82 -16.27
CA HIS A 117 25.00 -3.71 -16.55
C HIS A 117 25.35 -2.36 -15.94
N ASN A 118 26.46 -2.28 -15.21
CA ASN A 118 26.81 -1.08 -14.47
C ASN A 118 25.76 -0.62 -13.48
N ALA A 119 25.20 -1.60 -12.77
CA ALA A 119 24.39 -1.33 -11.59
C ALA A 119 25.26 -1.64 -10.38
N TYR A 120 24.99 -0.96 -9.27
CA TYR A 120 25.86 -1.01 -8.09
C TYR A 120 25.04 -1.19 -6.82
N TRP A 121 25.48 -2.11 -5.96
CA TRP A 121 24.88 -2.28 -4.64
C TRP A 121 25.43 -1.21 -3.74
N VAL A 122 24.56 -0.43 -3.09
CA VAL A 122 25.02 0.60 -2.14
C VAL A 122 24.30 0.39 -0.82
N ASN A 123 25.07 0.37 0.26
CA ASN A 123 24.53 0.15 1.60
C ASN A 123 23.45 1.18 1.88
N ILE A 124 22.31 0.71 2.41
CA ILE A 124 21.14 1.57 2.60
C ILE A 124 21.38 2.74 3.57
N ASN A 125 22.41 2.66 4.41
CA ASN A 125 22.84 3.77 5.30
C ASN A 125 23.78 4.80 4.67
N GLU A 126 24.22 4.57 3.44
CA GLU A 126 25.22 5.40 2.79
C GLU A 126 24.76 5.74 1.36
N LEU A 127 23.47 5.99 1.20
CA LEU A 127 22.93 6.24 -0.15
C LEU A 127 23.39 7.61 -0.65
N PRO A 128 23.78 7.72 -1.93
CA PRO A 128 24.00 9.04 -2.49
C PRO A 128 22.67 9.73 -2.72
N ALA A 129 22.71 10.99 -3.10
CA ALA A 129 21.50 11.73 -3.43
C ALA A 129 20.95 11.13 -4.73
N LEU A 130 19.70 10.69 -4.69
CA LEU A 130 19.03 10.10 -5.84
C LEU A 130 18.21 11.17 -6.52
N ILE A 131 17.98 11.01 -7.80
CA ILE A 131 17.21 11.98 -8.58
C ILE A 131 15.73 12.04 -8.22
N PHE A 132 15.10 13.15 -8.57
CA PHE A 132 13.64 13.30 -8.61
C PHE A 132 13.01 12.93 -7.25
N ASP A 133 11.99 12.08 -7.23
CA ASP A 133 11.35 11.64 -5.99
C ASP A 133 11.76 10.22 -5.60
N HIS A 134 12.90 9.76 -6.10
CA HIS A 134 13.36 8.41 -5.79
C HIS A 134 13.60 8.18 -4.27
N PRO A 135 14.12 9.18 -3.54
CA PRO A 135 14.24 9.00 -2.08
C PRO A 135 12.89 8.76 -1.40
N GLU A 136 11.84 9.48 -1.83
CA GLU A 136 10.48 9.25 -1.31
C GLU A 136 9.99 7.82 -1.61
N MSE A 137 10.23 7.35 -2.83
CA MSE A 137 9.87 6.00 -3.25
C MSE A 137 10.56 4.96 -2.38
O MSE A 137 9.91 4.07 -1.84
CB MSE A 137 10.26 5.75 -4.71
CG MSE A 137 9.46 6.63 -5.66
SE MSE A 137 10.09 6.27 -7.48
CE MSE A 137 8.61 7.20 -8.39
N VAL A 138 11.87 5.12 -2.23
CA VAL A 138 12.66 4.20 -1.39
C VAL A 138 12.13 4.17 0.05
N ASP A 139 11.85 5.33 0.62
CA ASP A 139 11.28 5.42 1.98
C ASP A 139 9.97 4.65 2.10
N LYS A 140 9.08 4.81 1.11
CA LYS A 140 7.81 4.11 1.13
C LYS A 140 7.99 2.60 1.03
N ALA A 141 8.86 2.14 0.14
CA ALA A 141 9.16 0.70 0.01
C ALA A 141 9.73 0.13 1.31
N ARG A 142 10.59 0.90 1.96
N ARG A 142 10.58 0.92 1.96
CA ARG A 142 11.22 0.46 3.20
CA ARG A 142 11.20 0.47 3.19
C ARG A 142 10.19 0.30 4.33
C ARG A 142 10.19 0.30 4.32
N GLU A 143 9.24 1.23 4.43
CA GLU A 143 8.13 1.10 5.39
C GLU A 143 7.23 -0.10 5.08
N MSE A 144 7.01 -0.39 3.80
CA MSE A 144 6.25 -1.58 3.40
C MSE A 144 6.98 -2.82 3.84
O MSE A 144 6.34 -3.76 4.34
CB MSE A 144 5.97 -1.63 1.89
CG MSE A 144 4.95 -0.56 1.57
SE MSE A 144 4.74 -0.40 -0.36
CE MSE A 144 3.91 -2.15 -0.67
N MSE A 145 8.29 -2.85 3.67
CA MSE A 145 9.13 -4.00 4.05
C MSE A 145 9.06 -4.21 5.55
O MSE A 145 8.86 -5.34 6.03
CB MSE A 145 10.55 -3.81 3.55
CG MSE A 145 11.46 -5.00 3.71
SE MSE A 145 13.22 -4.72 2.82
CE MSE A 145 13.70 -2.92 3.44
N LYS A 146 9.19 -3.12 6.31
CA LYS A 146 9.05 -3.21 7.75
C LYS A 146 7.71 -3.80 8.15
N GLN A 147 6.63 -3.28 7.58
CA GLN A 147 5.28 -3.75 7.92
C GLN A 147 5.11 -5.22 7.54
N LYS A 148 5.58 -5.60 6.36
CA LYS A 148 5.47 -7.00 5.89
C LYS A 148 6.17 -7.96 6.83
N ALA A 149 7.38 -7.59 7.25
CA ALA A 149 8.17 -8.44 8.14
C ALA A 149 7.53 -8.66 9.51
N SER A 150 6.63 -7.78 9.93
CA SER A 150 5.93 -7.97 11.18
C SER A 150 4.76 -8.97 11.09
N VAL A 151 4.24 -9.24 9.89
CA VAL A 151 3.05 -10.09 9.70
C VAL A 151 3.23 -11.38 8.88
N GLU A 152 4.36 -11.56 8.19
CA GLU A 152 4.58 -12.77 7.38
C GLU A 152 6.06 -12.98 7.13
N PRO A 153 6.47 -14.17 6.67
CA PRO A 153 7.88 -14.35 6.32
C PRO A 153 8.32 -13.33 5.28
N ILE A 154 9.40 -12.62 5.58
CA ILE A 154 9.88 -11.57 4.68
C ILE A 154 10.51 -12.15 3.42
N GLY A 155 10.93 -13.42 3.49
CA GLY A 155 11.44 -14.17 2.35
C GLY A 155 11.92 -15.54 2.79
N PHE A 156 11.90 -16.50 1.87
CA PHE A 156 12.28 -17.89 2.18
C PHE A 156 13.68 -18.26 1.75
N ASN A 157 14.38 -17.40 1.02
CA ASN A 157 15.81 -17.63 0.80
C ASN A 157 16.70 -16.44 1.09
N LEU A 158 16.31 -15.70 2.12
CA LEU A 158 17.16 -14.68 2.69
C LEU A 158 18.05 -15.31 3.75
N LEU A 159 17.51 -16.30 4.47
CA LEU A 159 18.22 -17.07 5.48
C LEU A 159 18.20 -18.55 5.12
N PRO A 160 19.06 -19.37 5.75
CA PRO A 160 18.92 -20.82 5.56
C PRO A 160 17.54 -21.32 6.01
N LYS A 161 17.11 -22.44 5.47
CA LYS A 161 15.86 -23.09 5.86
C LYS A 161 15.73 -23.16 7.38
N LEU A 162 16.81 -23.56 8.05
CA LEU A 162 16.90 -23.56 9.51
C LEU A 162 17.91 -22.48 9.95
N PHE A 163 17.43 -21.54 10.76
CA PHE A 163 18.21 -20.37 11.13
C PHE A 163 18.14 -20.13 12.62
N THR A 164 19.17 -19.51 13.18
CA THR A 164 19.17 -19.16 14.61
C THR A 164 18.44 -17.84 14.81
N LEU A 165 18.06 -17.57 16.06
CA LEU A 165 17.49 -16.25 16.38
C LEU A 165 18.44 -15.09 16.12
N SER A 166 19.75 -15.32 16.31
N SER A 166 19.75 -15.31 16.29
CA SER A 166 20.76 -14.34 15.96
CA SER A 166 20.76 -14.30 15.96
C SER A 166 20.74 -13.97 14.47
C SER A 166 20.77 -13.97 14.46
N GLN A 167 20.65 -14.99 13.63
CA GLN A 167 20.53 -14.77 12.18
C GLN A 167 19.25 -13.99 11.84
N LEU A 168 18.15 -14.36 12.46
CA LEU A 168 16.89 -13.65 12.27
C LEU A 168 16.98 -12.21 12.75
N GLN A 169 17.56 -12.01 13.92
CA GLN A 169 17.70 -10.68 14.47
C GLN A 169 18.52 -9.76 13.56
N SER A 170 19.62 -10.28 13.00
N SER A 170 19.62 -10.29 13.02
CA SER A 170 20.42 -9.50 12.07
CA SER A 170 20.44 -9.55 12.05
C SER A 170 19.61 -9.03 10.85
C SER A 170 19.61 -9.04 10.88
N LEU A 171 18.74 -9.90 10.34
CA LEU A 171 17.87 -9.54 9.22
C LEU A 171 16.85 -8.45 9.63
N TYR A 172 16.21 -8.59 10.77
CA TYR A 172 15.28 -7.57 11.24
C TYR A 172 15.94 -6.21 11.53
N GLU A 173 17.11 -6.24 12.15
CA GLU A 173 17.84 -5.00 12.44
C GLU A 173 18.21 -4.25 11.17
N ALA A 174 18.62 -4.99 10.14
CA ALA A 174 18.93 -4.41 8.84
C ALA A 174 17.67 -3.78 8.21
N ILE A 175 16.56 -4.51 8.26
CA ILE A 175 15.29 -4.02 7.70
C ILE A 175 14.82 -2.76 8.44
N TYR A 176 14.76 -2.84 9.76
CA TYR A 176 14.28 -1.73 10.57
C TYR A 176 15.30 -0.60 10.72
N GLY A 177 16.59 -0.87 10.50
CA GLY A 177 17.63 0.14 10.55
C GLY A 177 18.01 0.62 11.94
N GLU A 178 17.94 -0.26 12.94
N GLU A 178 17.91 -0.26 12.94
CA GLU A 178 18.27 0.07 14.32
CA GLU A 178 18.28 0.06 14.32
C GLU A 178 18.60 -1.21 15.09
C GLU A 178 18.62 -1.22 15.07
N PRO A 179 19.50 -1.14 16.09
CA PRO A 179 19.77 -2.33 16.90
C PRO A 179 18.56 -2.69 17.74
N MSE A 180 18.39 -3.97 18.04
CA MSE A 180 17.26 -4.44 18.83
C MSE A 180 17.75 -5.11 20.07
O MSE A 180 18.83 -5.70 20.09
CB MSE A 180 16.45 -5.39 17.95
CG MSE A 180 15.53 -4.57 17.09
SE MSE A 180 14.76 -5.75 15.75
CE MSE A 180 13.95 -4.32 14.66
N ASP A 181 16.95 -5.01 21.11
CA ASP A 181 17.22 -5.68 22.39
C ASP A 181 16.95 -7.18 22.19
N LYS A 182 17.92 -8.02 22.56
CA LYS A 182 17.84 -9.46 22.32
C LYS A 182 16.61 -10.12 23.00
N ARG A 183 16.38 -9.81 24.27
CA ARG A 183 15.27 -10.39 25.03
C ARG A 183 13.91 -9.97 24.47
N ASN A 184 13.73 -8.68 24.21
CA ASN A 184 12.48 -8.19 23.67
C ASN A 184 12.22 -8.71 22.26
N PHE A 185 13.28 -8.86 21.46
CA PHE A 185 13.15 -9.44 20.12
C PHE A 185 12.70 -10.89 20.18
N ARG A 186 13.31 -11.68 21.07
CA ARG A 186 12.88 -13.07 21.31
C ARG A 186 11.39 -13.14 21.72
N LYS A 187 10.96 -12.25 22.62
CA LYS A 187 9.54 -12.17 23.01
C LYS A 187 8.63 -11.82 21.80
N ARG A 188 9.08 -10.86 20.98
CA ARG A 188 8.34 -10.47 19.79
C ARG A 188 8.22 -11.64 18.79
N VAL A 189 9.31 -12.40 18.61
CA VAL A 189 9.32 -13.56 17.72
C VAL A 189 8.38 -14.65 18.20
N ALA A 190 8.33 -14.90 19.52
CA ALA A 190 7.37 -15.85 20.09
C ALA A 190 5.91 -15.53 19.76
N GLU A 191 5.60 -14.25 19.51
CA GLU A 191 4.26 -13.83 19.06
C GLU A 191 4.02 -14.03 17.56
N MSE A 192 5.04 -14.38 16.78
CA MSE A 192 4.92 -14.57 15.33
C MSE A 192 4.69 -16.03 15.04
O MSE A 192 5.62 -16.83 15.08
CB MSE A 192 6.21 -14.12 14.62
CG MSE A 192 6.46 -12.63 14.74
SE MSE A 192 8.20 -12.15 13.93
CE MSE A 192 7.89 -10.21 14.03
N ASP A 193 3.44 -16.42 14.73
CA ASP A 193 3.13 -17.85 14.49
C ASP A 193 3.71 -18.39 13.17
N PHE A 194 4.16 -17.50 12.30
CA PHE A 194 4.83 -17.87 11.05
C PHE A 194 6.32 -18.18 11.21
N ILE A 195 6.85 -18.05 12.44
CA ILE A 195 8.19 -18.53 12.77
C ILE A 195 8.01 -19.61 13.83
N GLU A 196 8.73 -20.70 13.67
CA GLU A 196 8.52 -21.89 14.48
C GLU A 196 9.87 -22.39 14.95
N LYS A 197 9.98 -22.68 16.26
CA LYS A 197 11.18 -23.29 16.83
C LYS A 197 11.18 -24.80 16.56
N THR A 198 12.29 -25.32 16.05
CA THR A 198 12.44 -26.77 15.79
C THR A 198 13.10 -27.44 17.01
N ASP A 199 13.30 -28.75 16.93
CA ASP A 199 14.05 -29.51 17.93
C ASP A 199 15.55 -29.52 17.66
N LYS A 200 15.98 -29.02 16.50
CA LYS A 200 17.38 -29.10 16.09
C LYS A 200 18.17 -27.94 16.67
N ILE A 201 19.48 -28.14 16.80
CA ILE A 201 20.40 -27.11 17.33
C ILE A 201 21.54 -26.91 16.34
N ASP A 202 22.07 -25.68 16.33
CA ASP A 202 23.17 -25.29 15.45
C ASP A 202 24.45 -26.01 15.89
N LYS A 203 25.40 -26.18 14.96
CA LYS A 203 26.67 -26.89 15.24
C LYS A 203 27.87 -26.23 14.56
N ARG A 208 27.48 -22.11 19.29
CA ARG A 208 27.25 -23.56 19.26
C ARG A 208 26.16 -23.97 20.27
N GLY A 209 25.28 -24.88 19.85
CA GLY A 209 24.12 -25.27 20.65
C GLY A 209 22.90 -24.35 20.53
N ALA A 210 22.96 -23.34 19.67
CA ALA A 210 21.84 -22.39 19.50
C ALA A 210 20.64 -23.08 18.84
N ALA A 211 19.43 -22.76 19.30
CA ALA A 211 18.21 -23.39 18.76
C ALA A 211 17.96 -22.94 17.32
N LEU A 212 17.40 -23.82 16.50
CA LEU A 212 17.10 -23.51 15.10
C LEU A 212 15.61 -23.30 14.88
N TYR A 213 15.31 -22.25 14.11
CA TYR A 213 13.94 -21.87 13.78
C TYR A 213 13.71 -21.99 12.25
N LYS A 214 12.46 -21.96 11.85
CA LYS A 214 12.11 -21.95 10.43
C LYS A 214 10.84 -21.14 10.20
N PHE A 215 10.71 -20.60 8.99
CA PHE A 215 9.46 -20.00 8.55
C PHE A 215 8.48 -21.11 8.19
N ASN A 216 7.20 -20.83 8.34
CA ASN A 216 6.15 -21.75 7.89
C ASN A 216 5.09 -20.96 7.12
N GLY A 217 4.01 -21.65 6.72
CA GLY A 217 2.94 -21.05 5.97
C GLY A 217 1.73 -20.56 6.76
N LYS A 218 1.85 -20.40 8.07
CA LYS A 218 0.68 -20.05 8.91
C LYS A 218 0.13 -18.63 8.67
N ALA A 219 0.96 -17.68 8.20
CA ALA A 219 0.46 -16.32 7.90
C ALA A 219 -0.43 -16.26 6.65
N TYR A 220 -0.37 -17.31 5.82
CA TYR A 220 -1.13 -17.36 4.56
C TYR A 220 -2.52 -18.02 4.71
N ARG A 221 -2.73 -18.75 5.81
CA ARG A 221 -4.06 -19.27 6.18
C ARG A 221 -4.97 -18.16 6.69
N ASN B 6 12.05 17.27 -26.69
CA ASN B 6 10.96 16.31 -26.39
C ASN B 6 11.53 15.02 -25.81
N TYR B 7 11.69 15.03 -24.48
CA TYR B 7 12.24 13.90 -23.78
C TYR B 7 11.25 12.73 -23.80
N TYR B 8 11.78 11.52 -23.83
CA TYR B 8 10.99 10.29 -23.60
C TYR B 8 10.08 9.89 -24.77
N SER B 9 10.23 10.55 -25.93
CA SER B 9 9.26 10.40 -27.01
C SER B 9 9.33 9.04 -27.74
N SER B 10 10.36 8.25 -27.51
CA SER B 10 10.36 6.86 -27.98
C SER B 10 9.39 5.95 -27.20
N ASN B 11 8.75 6.48 -26.15
CA ASN B 11 7.77 5.76 -25.31
C ASN B 11 6.36 6.22 -25.56
N PRO B 12 5.37 5.34 -25.35
CA PRO B 12 3.96 5.73 -25.54
C PRO B 12 3.37 6.50 -24.35
N THR B 13 2.15 7.02 -24.52
CA THR B 13 1.41 7.63 -23.43
C THR B 13 0.06 6.95 -23.25
N PHE B 14 -0.47 7.03 -22.04
CA PHE B 14 -1.66 6.29 -21.62
C PHE B 14 -2.70 7.19 -21.00
N TYR B 15 -3.97 6.83 -21.21
CA TYR B 15 -5.06 7.34 -20.37
C TYR B 15 -4.85 6.83 -18.95
N LEU B 16 -4.92 7.74 -17.98
CA LEU B 16 -4.83 7.39 -16.57
C LEU B 16 -6.16 7.61 -15.89
N GLY B 17 -6.80 6.48 -15.57
CA GLY B 17 -8.04 6.47 -14.85
C GLY B 17 -7.86 6.81 -13.39
N ILE B 18 -8.97 7.24 -12.81
CA ILE B 18 -9.12 7.40 -11.37
C ILE B 18 -10.37 6.62 -11.00
N ASP B 19 -10.27 5.84 -9.93
CA ASP B 19 -11.44 5.24 -9.29
C ASP B 19 -11.41 5.49 -7.79
N CYS B 20 -12.51 6.05 -7.26
CA CYS B 20 -12.66 6.28 -5.83
C CYS B 20 -13.58 5.24 -5.18
N ILE B 21 -13.08 4.61 -4.13
CA ILE B 21 -13.76 3.57 -3.39
C ILE B 21 -14.05 4.18 -2.02
N ILE B 22 -15.29 4.62 -1.81
CA ILE B 22 -15.69 5.28 -0.57
C ILE B 22 -16.55 4.32 0.22
N PHE B 23 -15.97 3.76 1.28
CA PHE B 23 -16.70 3.01 2.27
C PHE B 23 -17.27 3.99 3.29
N GLY B 24 -18.49 3.74 3.72
CA GLY B 24 -19.17 4.58 4.72
C GLY B 24 -19.54 3.76 5.93
N PHE B 25 -19.29 4.30 7.12
CA PHE B 25 -19.68 3.68 8.38
C PHE B 25 -20.92 4.39 8.94
N ASN B 26 -21.92 3.62 9.33
CA ASN B 26 -23.16 4.16 9.90
C ASN B 26 -23.98 3.05 10.55
N GLU B 27 -24.49 3.33 11.75
CA GLU B 27 -25.23 2.35 12.55
C GLU B 27 -24.60 0.93 12.57
N GLY B 28 -23.29 0.89 12.83
CA GLY B 28 -22.56 -0.37 12.98
C GLY B 28 -22.30 -1.19 11.71
N GLU B 29 -22.50 -0.59 10.54
CA GLU B 29 -22.34 -1.31 9.28
C GLU B 29 -21.62 -0.46 8.26
N ILE B 30 -20.98 -1.14 7.31
CA ILE B 30 -20.22 -0.49 6.24
C ILE B 30 -20.97 -0.61 4.89
N SER B 31 -21.03 0.51 4.18
CA SER B 31 -21.62 0.60 2.84
C SER B 31 -20.58 1.10 1.86
N LEU B 32 -20.86 0.90 0.57
CA LEU B 32 -20.03 1.42 -0.51
C LEU B 32 -20.83 2.47 -1.30
N LEU B 33 -20.22 3.63 -1.54
CA LEU B 33 -20.86 4.68 -2.34
C LEU B 33 -20.70 4.39 -3.85
N LEU B 34 -21.83 4.23 -4.54
CA LEU B 34 -21.84 3.79 -5.94
C LEU B 34 -22.68 4.71 -6.81
N LEU B 35 -22.45 4.61 -8.12
CA LEU B 35 -23.22 5.38 -9.09
C LEU B 35 -23.41 4.61 -10.39
N LYS B 36 -24.28 5.15 -11.23
CA LYS B 36 -24.56 4.62 -12.55
C LYS B 36 -23.63 5.39 -13.46
N ARG B 37 -22.75 4.66 -14.15
CA ARG B 37 -21.72 5.29 -14.98
C ARG B 37 -22.34 6.19 -16.05
N ASN B 38 -21.77 7.39 -16.20
CA ASN B 38 -22.38 8.46 -17.00
C ASN B 38 -21.80 8.63 -18.40
N PHE B 39 -20.94 7.72 -18.83
CA PHE B 39 -20.36 7.74 -20.17
C PHE B 39 -20.09 6.33 -20.66
N GLU B 40 -19.88 6.20 -21.97
CA GLU B 40 -19.72 4.91 -22.63
C GLU B 40 -18.23 4.57 -22.74
N PRO B 41 -17.87 3.29 -22.87
CA PRO B 41 -18.80 2.15 -22.84
C PRO B 41 -19.32 1.84 -21.43
N ALA B 42 -20.29 0.94 -21.35
CA ALA B 42 -20.93 0.52 -20.09
C ALA B 42 -21.71 1.65 -19.38
N MSE B 43 -22.20 2.62 -20.14
CA MSE B 43 -23.03 3.71 -19.60
C MSE B 43 -24.23 3.13 -18.94
O MSE B 43 -24.79 2.15 -19.43
CB MSE B 43 -23.49 4.68 -20.69
CG MSE B 43 -24.28 5.86 -20.14
SE MSE B 43 -24.22 7.41 -21.35
CE MSE B 43 -25.35 8.62 -20.26
N GLY B 44 -24.61 3.69 -17.79
CA GLY B 44 -25.79 3.23 -17.04
C GLY B 44 -25.56 2.09 -16.07
N GLU B 45 -24.38 1.48 -16.07
CA GLU B 45 -24.09 0.33 -15.19
C GLU B 45 -23.41 0.76 -13.88
N TRP B 46 -23.48 -0.13 -12.89
CA TRP B 46 -23.01 0.17 -11.54
C TRP B 46 -21.49 0.30 -11.52
N SER B 47 -21.00 1.37 -10.91
CA SER B 47 -19.61 1.76 -11.00
C SER B 47 -19.14 2.51 -9.76
N LEU B 48 -17.82 2.59 -9.63
CA LEU B 48 -17.14 3.38 -8.63
C LEU B 48 -17.06 4.78 -9.22
N MSE B 49 -16.63 5.74 -8.44
CA MSE B 49 -16.51 7.12 -8.93
C MSE B 49 -15.32 7.12 -9.85
O MSE B 49 -14.17 7.16 -9.38
CB MSE B 49 -16.37 8.13 -7.80
CG MSE B 49 -17.72 8.49 -7.18
SE MSE B 49 -18.48 7.01 -6.09
CE MSE B 49 -17.31 7.32 -4.55
N GLY B 50 -15.58 7.05 -11.15
CA GLY B 50 -14.57 6.93 -12.19
C GLY B 50 -14.35 8.20 -13.00
N GLY B 51 -13.09 8.56 -13.19
CA GLY B 51 -12.72 9.68 -14.05
C GLY B 51 -11.34 9.49 -14.62
N PHE B 52 -10.74 10.58 -15.08
CA PHE B 52 -9.43 10.54 -15.68
C PHE B 52 -8.61 11.69 -15.15
N VAL B 53 -7.30 11.45 -15.04
CA VAL B 53 -6.37 12.46 -14.59
C VAL B 53 -6.26 13.50 -15.71
N GLN B 54 -6.22 14.78 -15.32
CA GLN B 54 -6.10 15.89 -16.26
C GLN B 54 -4.71 16.54 -16.16
N LYS B 55 -4.35 17.34 -17.15
CA LYS B 55 -3.02 17.97 -17.22
C LYS B 55 -2.74 18.96 -16.08
N ASP B 56 -3.80 19.60 -15.60
CA ASP B 56 -3.71 20.59 -14.51
C ASP B 56 -3.32 20.05 -13.12
N GLU B 57 -3.34 18.73 -12.90
CA GLU B 57 -3.45 18.21 -11.55
C GLU B 57 -2.57 17.01 -11.24
N SER B 58 -2.17 16.91 -9.97
CA SER B 58 -1.53 15.71 -9.45
C SER B 58 -2.56 14.58 -9.47
N VAL B 59 -2.08 13.34 -9.38
CA VAL B 59 -2.98 12.18 -9.36
C VAL B 59 -3.83 12.14 -8.09
N ASP B 60 -3.21 12.45 -6.94
CA ASP B 60 -3.96 12.59 -5.68
C ASP B 60 -5.07 13.64 -5.83
N ASP B 61 -4.73 14.79 -6.41
CA ASP B 61 -5.73 15.86 -6.61
C ASP B 61 -6.76 15.52 -7.66
N ALA B 62 -6.39 14.76 -8.67
CA ALA B 62 -7.38 14.16 -9.58
C ALA B 62 -8.45 13.37 -8.83
N ALA B 63 -8.03 12.53 -7.88
CA ALA B 63 -8.96 11.73 -7.09
C ALA B 63 -9.93 12.61 -6.28
N LYS B 64 -9.45 13.76 -5.79
CA LYS B 64 -10.30 14.73 -5.07
C LYS B 64 -11.35 15.30 -6.01
N ARG B 65 -10.90 15.83 -7.15
CA ARG B 65 -11.79 16.44 -8.15
C ARG B 65 -12.87 15.47 -8.63
N VAL B 66 -12.47 14.24 -8.91
CA VAL B 66 -13.38 13.21 -9.38
C VAL B 66 -14.44 12.95 -8.30
N LEU B 67 -13.98 12.78 -7.06
CA LEU B 67 -14.90 12.55 -5.96
C LEU B 67 -15.92 13.70 -5.81
N ALA B 68 -15.45 14.94 -5.93
CA ALA B 68 -16.29 16.13 -5.75
C ALA B 68 -17.25 16.33 -6.92
N GLU B 69 -16.77 16.09 -8.14
CA GLU B 69 -17.62 16.14 -9.33
C GLU B 69 -18.76 15.13 -9.25
N LEU B 70 -18.46 13.92 -8.79
CA LEU B 70 -19.42 12.81 -8.90
C LEU B 70 -20.26 12.59 -7.66
N THR B 71 -19.88 13.18 -6.52
CA THR B 71 -20.66 13.05 -5.27
C THR B 71 -20.93 14.36 -4.49
N GLY B 72 -20.21 15.43 -4.80
CA GLY B 72 -20.21 16.64 -3.98
C GLY B 72 -19.32 16.61 -2.74
N LEU B 73 -18.85 15.42 -2.35
CA LEU B 73 -18.01 15.26 -1.16
C LEU B 73 -16.66 15.92 -1.34
N GLU B 74 -16.28 16.71 -0.35
CA GLU B 74 -15.01 17.42 -0.32
C GLU B 74 -14.35 17.16 1.03
N ASN B 75 -13.06 17.50 1.13
CA ASN B 75 -12.29 17.25 2.35
C ASN B 75 -12.34 15.80 2.86
N VAL B 76 -12.41 14.84 1.92
CA VAL B 76 -12.33 13.41 2.24
C VAL B 76 -10.92 12.94 1.89
N TYR B 77 -10.19 12.47 2.88
CA TYR B 77 -8.84 11.95 2.64
C TYR B 77 -8.92 10.53 2.12
N MSE B 78 -8.26 10.28 0.99
CA MSE B 78 -8.22 8.94 0.41
C MSE B 78 -6.80 8.43 0.36
O MSE B 78 -5.87 9.20 0.17
CB MSE B 78 -8.80 8.92 -1.00
CG MSE B 78 -10.31 9.12 -0.98
SE MSE B 78 -11.00 9.44 -2.81
CE MSE B 78 -10.44 11.33 -3.03
N GLU B 79 -6.64 7.13 0.52
CA GLU B 79 -5.34 6.48 0.36
C GLU B 79 -5.32 5.67 -0.93
N GLN B 80 -4.16 5.62 -1.54
CA GLN B 80 -4.00 4.94 -2.81
C GLN B 80 -4.09 3.43 -2.60
N VAL B 81 -4.90 2.78 -3.41
CA VAL B 81 -5.01 1.32 -3.41
C VAL B 81 -3.94 0.72 -4.32
N GLY B 82 -3.75 1.32 -5.49
CA GLY B 82 -2.83 0.78 -6.49
C GLY B 82 -3.15 1.25 -7.89
N ALA B 83 -2.20 1.01 -8.79
CA ALA B 83 -2.35 1.27 -10.20
C ALA B 83 -2.73 -0.06 -10.85
N PHE B 84 -3.90 -0.10 -11.47
CA PHE B 84 -4.41 -1.29 -12.12
C PHE B 84 -4.12 -1.13 -13.58
N GLY B 85 -3.24 -1.99 -14.08
CA GLY B 85 -2.67 -1.85 -15.41
C GLY B 85 -2.70 -3.07 -16.30
N ALA B 86 -3.55 -4.05 -16.00
CA ALA B 86 -3.82 -5.15 -16.95
C ALA B 86 -4.23 -4.58 -18.31
N ILE B 87 -3.76 -5.20 -19.38
CA ILE B 87 -3.93 -4.60 -20.70
C ILE B 87 -5.43 -4.41 -21.00
N ASP B 88 -6.22 -5.44 -20.72
CA ASP B 88 -7.65 -5.45 -21.12
C ASP B 88 -8.66 -5.08 -20.04
N ARG B 89 -8.23 -4.39 -18.99
CA ARG B 89 -9.13 -4.07 -17.88
C ARG B 89 -10.30 -3.14 -18.27
N ASP B 90 -10.05 -2.19 -19.16
CA ASP B 90 -11.07 -1.29 -19.67
C ASP B 90 -11.32 -1.70 -21.11
N PRO B 91 -12.56 -2.09 -21.46
CA PRO B 91 -12.84 -2.52 -22.83
C PRO B 91 -12.91 -1.36 -23.85
N GLY B 92 -13.07 -0.14 -23.37
CA GLY B 92 -13.13 1.03 -24.23
C GLY B 92 -11.80 1.36 -24.86
N GLU B 93 -10.72 1.15 -24.12
CA GLU B 93 -9.41 1.65 -24.51
C GLU B 93 -8.43 1.17 -23.44
N ARG B 94 -7.13 1.22 -23.75
CA ARG B 94 -6.12 1.01 -22.73
C ARG B 94 -6.20 2.16 -21.70
N VAL B 95 -6.55 1.81 -20.46
CA VAL B 95 -6.57 2.76 -19.36
C VAL B 95 -5.89 2.10 -18.16
N VAL B 96 -4.88 2.77 -17.60
CA VAL B 96 -4.28 2.35 -16.34
C VAL B 96 -4.99 3.18 -15.27
N SER B 97 -5.70 2.53 -14.37
CA SER B 97 -6.49 3.30 -13.37
C SER B 97 -5.88 3.22 -12.00
N ILE B 98 -5.73 4.39 -11.37
N ILE B 98 -5.69 4.40 -11.40
CA ILE B 98 -5.22 4.48 -10.02
CA ILE B 98 -5.25 4.50 -10.02
C ILE B 98 -6.40 4.60 -9.07
C ILE B 98 -6.47 4.57 -9.12
N ALA B 99 -6.66 3.53 -8.31
CA ALA B 99 -7.75 3.46 -7.35
C ALA B 99 -7.33 4.05 -6.01
N TYR B 100 -8.27 4.76 -5.38
CA TYR B 100 -8.11 5.38 -4.07
C TYR B 100 -9.29 4.97 -3.20
N TYR B 101 -9.04 4.87 -1.89
CA TYR B 101 -10.10 4.53 -0.97
C TYR B 101 -10.17 5.36 0.31
N ALA B 102 -11.34 5.34 0.92
CA ALA B 102 -11.53 5.92 2.25
C ALA B 102 -12.64 5.20 2.97
N LEU B 103 -12.57 5.28 4.30
CA LEU B 103 -13.64 4.83 5.17
C LEU B 103 -14.09 6.09 5.89
N ILE B 104 -15.30 6.54 5.63
CA ILE B 104 -15.80 7.77 6.24
C ILE B 104 -17.03 7.51 7.08
N ASN B 105 -17.36 8.51 7.89
CA ASN B 105 -18.59 8.52 8.64
C ASN B 105 -19.67 9.14 7.76
N ILE B 106 -20.73 8.39 7.48
CA ILE B 106 -21.79 8.86 6.57
C ILE B 106 -22.48 10.10 7.15
N ASN B 107 -22.85 10.03 8.44
CA ASN B 107 -23.53 11.15 9.10
C ASN B 107 -22.76 12.47 9.12
N GLU B 108 -21.42 12.40 9.09
CA GLU B 108 -20.58 13.61 9.09
C GLU B 108 -20.60 14.40 7.77
N TYR B 109 -21.24 13.89 6.71
CA TYR B 109 -21.31 14.60 5.42
C TYR B 109 -22.75 14.92 4.98
N ASP B 110 -22.84 15.78 3.97
CA ASP B 110 -24.12 16.30 3.48
C ASP B 110 -24.84 15.22 2.64
N ARG B 111 -25.73 14.47 3.28
CA ARG B 111 -26.41 13.34 2.64
C ARG B 111 -27.34 13.77 1.48
N GLU B 112 -27.93 14.97 1.57
CA GLU B 112 -28.72 15.53 0.46
C GLU B 112 -27.83 15.93 -0.73
N LEU B 113 -26.62 16.43 -0.45
CA LEU B 113 -25.66 16.77 -1.52
C LEU B 113 -25.26 15.54 -2.33
N VAL B 114 -25.02 14.43 -1.63
CA VAL B 114 -24.70 13.16 -2.27
C VAL B 114 -25.87 12.69 -3.13
N GLN B 115 -27.07 12.70 -2.55
CA GLN B 115 -28.31 12.34 -3.25
C GLN B 115 -28.53 13.14 -4.53
N LYS B 116 -28.32 14.46 -4.46
CA LYS B 116 -28.35 15.37 -5.63
C LYS B 116 -27.48 14.87 -6.79
N HIS B 117 -26.31 14.32 -6.46
CA HIS B 117 -25.37 13.76 -7.45
C HIS B 117 -25.67 12.32 -7.91
N ASN B 118 -26.81 11.75 -7.52
CA ASN B 118 -27.20 10.39 -7.92
C ASN B 118 -26.15 9.35 -7.54
N ALA B 119 -25.65 9.47 -6.32
CA ALA B 119 -24.73 8.50 -5.74
C ALA B 119 -25.47 7.80 -4.60
N TYR B 120 -25.32 6.48 -4.51
CA TYR B 120 -26.14 5.67 -3.62
C TYR B 120 -25.26 4.81 -2.71
N TRP B 121 -25.56 4.82 -1.41
CA TRP B 121 -24.90 3.95 -0.44
C TRP B 121 -25.50 2.58 -0.59
N VAL B 122 -24.70 1.59 -0.93
CA VAL B 122 -25.17 0.21 -0.99
C VAL B 122 -24.45 -0.54 0.11
N ASN B 123 -25.14 -1.43 0.79
CA ASN B 123 -24.53 -2.27 1.83
C ASN B 123 -23.45 -3.14 1.22
N ILE B 124 -22.34 -3.27 1.95
CA ILE B 124 -21.14 -3.93 1.45
C ILE B 124 -21.30 -5.45 1.20
N ASN B 125 -22.29 -6.07 1.85
CA ASN B 125 -22.60 -7.49 1.64
C ASN B 125 -23.67 -7.75 0.58
N GLU B 126 -24.18 -6.69 -0.02
CA GLU B 126 -25.23 -6.77 -1.03
C GLU B 126 -24.88 -5.87 -2.22
N LEU B 127 -23.65 -5.95 -2.68
CA LEU B 127 -23.20 -5.13 -3.81
C LEU B 127 -23.78 -5.70 -5.10
N PRO B 128 -24.18 -4.81 -6.04
CA PRO B 128 -24.52 -5.31 -7.36
C PRO B 128 -23.23 -5.65 -8.10
N ALA B 129 -23.35 -6.25 -9.28
CA ALA B 129 -22.18 -6.51 -10.11
C ALA B 129 -21.67 -5.17 -10.64
N LEU B 130 -20.40 -4.88 -10.37
CA LEU B 130 -19.76 -3.64 -10.83
C LEU B 130 -19.00 -3.87 -12.14
N ILE B 131 -18.80 -2.79 -12.90
CA ILE B 131 -18.11 -2.85 -14.20
C ILE B 131 -16.62 -3.16 -14.11
N PHE B 132 -16.09 -3.67 -15.22
CA PHE B 132 -14.64 -3.78 -15.49
C PHE B 132 -13.97 -4.58 -14.35
N ASP B 133 -12.91 -4.03 -13.73
CA ASP B 133 -12.20 -4.67 -12.61
C ASP B 133 -12.54 -4.00 -11.28
N HIS B 134 -13.68 -3.31 -11.20
CA HIS B 134 -14.06 -2.59 -9.99
C HIS B 134 -14.22 -3.51 -8.77
N PRO B 135 -14.74 -4.74 -8.98
CA PRO B 135 -14.79 -5.66 -7.83
C PRO B 135 -13.41 -6.03 -7.27
N GLU B 136 -12.43 -6.22 -8.15
CA GLU B 136 -11.04 -6.47 -7.74
C GLU B 136 -10.50 -5.28 -6.93
N MSE B 137 -10.78 -4.05 -7.39
CA MSE B 137 -10.32 -2.86 -6.71
C MSE B 137 -10.92 -2.80 -5.32
O MSE B 137 -10.20 -2.60 -4.33
CB MSE B 137 -10.65 -1.61 -7.51
CG MSE B 137 -9.94 -1.53 -8.85
SE MSE B 137 -10.69 0.06 -9.77
CE MSE B 137 -9.28 0.22 -11.14
N VAL B 138 -12.23 -2.99 -5.24
CA VAL B 138 -12.95 -2.97 -3.95
C VAL B 138 -12.38 -4.01 -2.98
N ASP B 139 -12.16 -5.23 -3.46
CA ASP B 139 -11.55 -6.30 -2.64
C ASP B 139 -10.19 -5.89 -2.10
N LYS B 140 -9.36 -5.29 -2.96
CA LYS B 140 -8.03 -4.87 -2.54
C LYS B 140 -8.15 -3.80 -1.46
N ALA B 141 -9.03 -2.81 -1.67
CA ALA B 141 -9.21 -1.73 -0.67
C ALA B 141 -9.68 -2.29 0.67
N ARG B 142 -10.60 -3.24 0.62
CA ARG B 142 -11.12 -3.90 1.82
C ARG B 142 -10.01 -4.61 2.60
N GLU B 143 -9.12 -5.29 1.89
CA GLU B 143 -7.99 -5.98 2.52
C GLU B 143 -7.00 -4.99 3.16
N MSE B 144 -6.82 -3.83 2.54
CA MSE B 144 -5.97 -2.79 3.10
C MSE B 144 -6.57 -2.18 4.34
O MSE B 144 -5.85 -1.89 5.29
CB MSE B 144 -5.68 -1.71 2.06
CG MSE B 144 -4.71 -2.26 1.01
SE MSE B 144 -4.59 -0.99 -0.48
CE MSE B 144 -3.90 0.56 0.54
N MSE B 145 -7.89 -1.97 4.34
CA MSE B 145 -8.61 -1.50 5.53
C MSE B 145 -8.43 -2.42 6.70
O MSE B 145 -8.21 -1.97 7.83
CB MSE B 145 -10.09 -1.36 5.18
CG MSE B 145 -10.93 -0.82 6.33
SE MSE B 145 -12.80 -0.93 5.75
CE MSE B 145 -12.62 0.55 4.48
N LYS B 146 -8.51 -3.73 6.45
CA LYS B 146 -8.26 -4.76 7.48
C LYS B 146 -6.84 -4.73 8.03
N GLN B 147 -5.86 -4.69 7.13
N GLN B 147 -5.85 -4.70 7.14
CA GLN B 147 -4.44 -4.64 7.49
CA GLN B 147 -4.44 -4.66 7.58
C GLN B 147 -4.07 -3.41 8.33
C GLN B 147 -4.08 -3.40 8.38
N LYS B 148 -4.64 -2.25 7.98
CA LYS B 148 -4.48 -1.01 8.75
C LYS B 148 -5.09 -1.16 10.15
N ALA B 149 -6.33 -1.62 10.20
CA ALA B 149 -7.02 -1.84 11.49
C ALA B 149 -6.25 -2.76 12.44
N SER B 150 -5.49 -3.72 11.90
CA SER B 150 -4.64 -4.61 12.72
C SER B 150 -3.48 -3.86 13.36
N VAL B 151 -2.74 -3.11 12.54
CA VAL B 151 -1.44 -2.56 12.95
C VAL B 151 -1.46 -1.08 13.38
N GLU B 152 -2.59 -0.37 13.19
CA GLU B 152 -2.66 1.07 13.48
C GLU B 152 -3.89 1.46 14.32
N PRO B 153 -3.78 2.58 15.07
CA PRO B 153 -4.99 3.16 15.68
C PRO B 153 -5.92 3.71 14.60
N ILE B 154 -7.23 3.47 14.72
CA ILE B 154 -8.22 3.84 13.69
C ILE B 154 -9.55 4.35 14.25
N GLY B 155 -10.26 5.15 13.46
CA GLY B 155 -11.65 5.53 13.74
C GLY B 155 -11.91 6.77 14.58
N PHE B 156 -10.94 7.68 14.68
CA PHE B 156 -11.09 8.94 15.42
C PHE B 156 -12.31 9.75 14.98
N ASN B 157 -12.54 9.82 13.67
CA ASN B 157 -13.66 10.58 13.11
C ASN B 157 -14.87 9.72 12.73
N LEU B 158 -14.79 8.42 13.03
CA LEU B 158 -15.90 7.47 12.81
C LEU B 158 -16.73 7.18 14.06
N LEU B 159 -16.23 7.59 15.23
CA LEU B 159 -16.91 7.39 16.51
C LEU B 159 -17.13 8.76 17.13
N PRO B 160 -18.12 8.87 18.04
CA PRO B 160 -18.24 10.14 18.77
C PRO B 160 -17.01 10.36 19.67
N LYS B 161 -16.77 11.63 20.03
CA LYS B 161 -15.62 12.00 20.86
C LYS B 161 -15.56 11.20 22.17
N LEU B 162 -16.72 10.91 22.74
CA LEU B 162 -16.84 10.02 23.88
C LEU B 162 -17.63 8.78 23.47
N PHE B 163 -16.97 7.63 23.44
CA PHE B 163 -17.51 6.39 22.85
C PHE B 163 -17.37 5.20 23.79
N THR B 164 -18.24 4.20 23.61
CA THR B 164 -18.21 2.96 24.40
C THR B 164 -17.36 1.88 23.75
N LEU B 165 -17.00 0.86 24.53
CA LEU B 165 -16.29 -0.32 23.98
C LEU B 165 -17.13 -1.11 22.98
N SER B 166 -18.45 -1.12 23.15
CA SER B 166 -19.34 -1.75 22.17
C SER B 166 -19.31 -1.03 20.82
N GLN B 167 -19.36 0.31 20.87
CA GLN B 167 -19.25 1.13 19.66
C GLN B 167 -17.93 0.90 18.93
N LEU B 168 -16.82 0.85 19.69
CA LEU B 168 -15.52 0.55 19.12
C LEU B 168 -15.51 -0.86 18.53
N GLN B 169 -16.08 -1.81 19.26
CA GLN B 169 -16.18 -3.19 18.77
C GLN B 169 -16.94 -3.25 17.45
N SER B 170 -18.07 -2.56 17.38
CA SER B 170 -18.88 -2.49 16.15
C SER B 170 -18.09 -2.03 14.92
N LEU B 171 -17.21 -1.04 15.09
CA LEU B 171 -16.34 -0.57 14.01
C LEU B 171 -15.41 -1.68 13.51
N TYR B 172 -14.68 -2.30 14.44
CA TYR B 172 -13.77 -3.40 14.10
C TYR B 172 -14.54 -4.55 13.44
N GLU B 173 -15.69 -4.90 14.01
CA GLU B 173 -16.51 -5.98 13.46
C GLU B 173 -16.97 -5.71 12.02
N ALA B 174 -17.37 -4.47 11.75
CA ALA B 174 -17.77 -4.08 10.40
C ALA B 174 -16.57 -4.13 9.44
N ILE B 175 -15.41 -3.64 9.90
CA ILE B 175 -14.18 -3.60 9.09
C ILE B 175 -13.76 -5.00 8.66
N TYR B 176 -13.54 -5.89 9.63
CA TYR B 176 -13.18 -7.28 9.35
C TYR B 176 -14.35 -8.12 8.80
N GLY B 177 -15.59 -7.64 9.00
CA GLY B 177 -16.78 -8.33 8.50
C GLY B 177 -17.05 -9.63 9.24
N GLU B 178 -16.83 -9.63 10.55
CA GLU B 178 -16.95 -10.82 11.38
C GLU B 178 -17.37 -10.45 12.80
N PRO B 179 -18.22 -11.27 13.45
CA PRO B 179 -18.41 -11.07 14.90
C PRO B 179 -17.12 -11.41 15.64
N MSE B 180 -16.84 -10.69 16.73
CA MSE B 180 -15.65 -10.85 17.55
C MSE B 180 -15.99 -11.34 18.92
O MSE B 180 -17.09 -11.07 19.43
CB MSE B 180 -14.97 -9.48 17.65
CG MSE B 180 -13.55 -9.51 17.11
SE MSE B 180 -13.12 -7.68 16.53
CE MSE B 180 -13.53 -7.98 14.63
N ASP B 181 -15.04 -12.05 19.54
CA ASP B 181 -15.14 -12.46 20.94
C ASP B 181 -14.99 -11.21 21.83
N LYS B 182 -15.98 -10.99 22.68
CA LYS B 182 -15.98 -9.80 23.57
C LYS B 182 -14.83 -9.85 24.58
N ARG B 183 -14.61 -11.03 25.17
CA ARG B 183 -13.53 -11.26 26.14
C ARG B 183 -12.17 -10.83 25.60
N ASN B 184 -11.76 -11.43 24.47
CA ASN B 184 -10.44 -11.17 23.86
C ASN B 184 -10.28 -9.77 23.29
N PHE B 185 -11.37 -9.18 22.81
CA PHE B 185 -11.37 -7.80 22.28
C PHE B 185 -11.04 -6.79 23.36
N ARG B 186 -11.69 -6.91 24.53
CA ARG B 186 -11.43 -5.99 25.65
C ARG B 186 -10.01 -6.17 26.21
N LYS B 187 -9.47 -7.39 26.12
CA LYS B 187 -8.05 -7.64 26.41
C LYS B 187 -7.14 -6.94 25.39
N ARG B 188 -7.48 -7.03 24.10
CA ARG B 188 -6.74 -6.30 23.06
C ARG B 188 -6.84 -4.79 23.28
N VAL B 189 -8.04 -4.31 23.63
CA VAL B 189 -8.28 -2.89 23.93
C VAL B 189 -7.41 -2.40 25.11
N ALA B 190 -7.15 -3.28 26.06
CA ALA B 190 -6.23 -3.00 27.18
C ALA B 190 -4.78 -2.75 26.73
N GLU B 191 -4.31 -3.48 25.72
CA GLU B 191 -2.97 -3.28 25.13
C GLU B 191 -2.85 -2.05 24.20
N MSE B 192 -3.98 -1.48 23.79
CA MSE B 192 -4.01 -0.23 23.01
C MSE B 192 -3.85 0.95 23.93
O MSE B 192 -4.79 1.29 24.66
CB MSE B 192 -5.34 -0.11 22.29
CG MSE B 192 -5.52 -1.18 21.23
SE MSE B 192 -7.37 -1.04 20.55
CE MSE B 192 -7.65 -2.96 20.18
N ASP B 193 -2.69 1.59 23.92
CA ASP B 193 -2.44 2.77 24.77
C ASP B 193 -3.05 4.10 24.28
N PHE B 194 -3.71 4.06 23.12
CA PHE B 194 -4.29 5.24 22.46
C PHE B 194 -5.77 5.46 22.81
N ILE B 195 -6.35 4.51 23.54
CA ILE B 195 -7.73 4.59 24.04
C ILE B 195 -7.68 4.80 25.56
N GLU B 196 -8.09 5.97 26.04
CA GLU B 196 -8.11 6.26 27.50
C GLU B 196 -9.53 6.35 28.06
N LYS B 197 -9.71 5.77 29.25
CA LYS B 197 -10.99 5.73 29.94
C LYS B 197 -11.22 7.04 30.69
N THR B 198 -12.27 7.79 30.31
CA THR B 198 -12.60 9.05 30.97
C THR B 198 -13.34 8.77 32.28
N ASP B 199 -13.51 9.80 33.11
CA ASP B 199 -14.37 9.73 34.30
C ASP B 199 -15.84 9.57 33.95
N LYS B 200 -16.26 10.06 32.78
CA LYS B 200 -17.68 10.11 32.40
C LYS B 200 -18.28 8.76 32.01
N ILE B 201 -19.61 8.72 32.03
CA ILE B 201 -20.40 7.50 31.77
C ILE B 201 -21.58 7.79 30.86
N ASP B 202 -22.09 6.72 30.22
CA ASP B 202 -23.13 6.83 29.19
C ASP B 202 -24.53 6.85 29.82
N LYS B 203 -25.16 8.02 29.79
CA LYS B 203 -26.51 8.20 30.32
C LYS B 203 -27.61 8.14 29.25
N LEU B 204 -27.22 8.02 27.98
CA LEU B 204 -28.20 8.02 26.88
C LEU B 204 -28.22 6.73 26.02
N GLY B 205 -27.07 6.07 25.86
CA GLY B 205 -26.90 4.96 24.89
C GLY B 205 -27.47 3.60 25.31
N SER B 206 -26.98 2.54 24.66
CA SER B 206 -27.58 1.21 24.77
C SER B 206 -27.24 0.47 26.06
N LYS B 207 -26.03 0.67 26.58
CA LYS B 207 -25.64 0.11 27.87
C LYS B 207 -25.45 1.26 28.87
N ARG B 208 -26.51 1.57 29.62
CA ARG B 208 -26.49 2.73 30.50
C ARG B 208 -25.39 2.61 31.54
N GLY B 209 -24.79 3.75 31.87
CA GLY B 209 -23.66 3.82 32.78
C GLY B 209 -22.35 3.24 32.29
N ALA B 210 -22.28 2.83 31.02
CA ALA B 210 -21.05 2.24 30.49
C ALA B 210 -19.98 3.32 30.49
N ALA B 211 -18.74 2.89 30.71
CA ALA B 211 -17.57 3.76 30.65
C ALA B 211 -17.47 4.39 29.26
N LEU B 212 -17.36 5.70 29.22
CA LEU B 212 -17.11 6.42 27.98
C LEU B 212 -15.60 6.61 27.82
N TYR B 213 -15.08 6.20 26.66
CA TYR B 213 -13.67 6.32 26.30
C TYR B 213 -13.50 7.39 25.24
N LYS B 214 -12.27 7.88 25.12
CA LYS B 214 -11.87 8.80 24.06
C LYS B 214 -10.53 8.38 23.50
N PHE B 215 -10.19 8.96 22.36
CA PHE B 215 -8.86 8.77 21.79
C PHE B 215 -7.90 9.76 22.44
N ASN B 216 -6.75 9.26 22.86
CA ASN B 216 -5.61 10.09 23.24
C ASN B 216 -4.87 10.51 21.97
N GLY B 217 -5.05 11.77 21.56
CA GLY B 217 -4.47 12.29 20.31
C GLY B 217 -2.98 12.00 20.13
N LYS B 218 -2.20 12.29 21.17
CA LYS B 218 -0.76 12.04 21.19
C LYS B 218 -0.43 10.57 20.88
N ALA B 219 -1.09 9.65 21.59
CA ALA B 219 -0.90 8.21 21.39
C ALA B 219 -1.56 7.66 20.11
N TYR B 220 -2.62 8.32 19.64
CA TYR B 220 -3.28 7.96 18.37
C TYR B 220 -2.38 8.22 17.16
N ARG B 221 -1.56 9.27 17.24
CA ARG B 221 -0.76 9.75 16.12
C ARG B 221 0.05 8.63 15.45
N LYS B 222 0.01 8.59 14.13
CA LYS B 222 0.72 7.56 13.37
C LYS B 222 2.23 7.79 13.51
N ASP B 223 2.96 6.72 13.83
CA ASP B 223 4.42 6.76 13.92
C ASP B 223 4.97 7.14 12.55
N PRO B 224 5.98 8.03 12.49
CA PRO B 224 6.58 8.31 11.17
C PRO B 224 7.26 7.08 10.54
N LYS B 225 7.83 6.22 11.37
CA LYS B 225 8.48 4.97 10.94
C LYS B 225 7.86 3.77 11.67
N PHE B 226 7.67 2.67 10.95
CA PHE B 226 6.93 1.52 11.50
C PHE B 226 7.73 0.85 12.62
N LYS B 227 7.04 0.48 13.70
CA LYS B 227 7.67 -0.10 14.89
C LYS B 227 7.33 -1.57 15.01
N LEU B 228 8.35 -2.41 15.16
CA LEU B 228 8.15 -3.84 15.42
C LEU B 228 7.52 -4.07 16.79
C1 ARA C . 12.39 6.93 -13.88
C2 ARA C . 11.77 8.27 -13.47
C3 ARA C . 10.64 8.60 -14.41
C4 ARA C . 11.14 8.62 -15.85
C5 ARA C . 11.80 7.27 -16.15
O1 ARA C . 13.49 6.61 -13.05
O2 ARA C . 11.24 8.18 -12.15
O3 ARA C . 10.00 9.85 -14.02
O4 ARA C . 12.10 9.66 -16.06
O5 ARA C . 12.85 6.98 -15.22
S SO4 D . 28.24 -21.80 -5.38
O1 SO4 D . 29.20 -21.22 -6.35
O2 SO4 D . 28.94 -22.86 -4.61
O3 SO4 D . 27.04 -22.36 -6.05
O4 SO4 D . 27.81 -20.71 -4.45
C1 ARA E . -13.26 4.26 -14.38
C2 ARA E . -12.68 3.05 -15.11
C3 ARA E . -11.57 3.55 -15.99
C4 ARA E . -12.11 4.57 -16.99
C5 ARA E . -12.68 5.74 -16.22
O1 ARA E . -14.37 3.85 -13.60
O2 ARA E . -12.17 2.09 -14.16
O3 ARA E . -10.93 2.46 -16.63
O4 ARA E . -13.14 4.01 -17.83
O5 ARA E . -13.67 5.28 -15.30
C FMT F . 14.08 5.41 -21.68
O1 FMT F . 13.32 5.93 -22.49
O2 FMT F . 13.71 4.30 -21.02
C FMT G . 2.20 9.49 -2.96
O1 FMT G . 1.28 10.18 -3.38
O2 FMT G . 2.06 8.16 -2.90
#